data_2C4P
#
_entry.id   2C4P
#
_cell.length_a   45.621
_cell.length_b   50.565
_cell.length_c   66.043
_cell.angle_alpha   90.00
_cell.angle_beta   90.00
_cell.angle_gamma   90.00
#
_symmetry.space_group_name_H-M   'P 1 21 1'
#
loop_
_entity.id
_entity.type
_entity.pdbx_description
1 polymer 'UBIQUITIN-CONJUGATING ENZYME E2 D1'
2 water water
#
_entity_poly.entity_id   1
_entity_poly.type   'polypeptide(L)'
_entity_poly.pdbx_seq_one_letter_code
;MKHHHHHHPMSGLVPRGSMALKRIQKELSDLQRDPPAHCSAGPVGDDLFHWQATIMGPPDSAYQGGVFFLTVHFPTDYPF
KPPKIAFTTKIYHPNINSNGSICLDILRSQWSPALTVSKVLLSICSLLCDPNPDDPLVPDIAQIYKSDKEKYNRHAREWT
QKYAM
;
_entity_poly.pdbx_strand_id   A,B
#
# COMPACT_ATOMS: atom_id res chain seq x y z
N ARG A 16 7.09 -4.71 -12.57
CA ARG A 16 6.89 -5.26 -11.21
C ARG A 16 8.13 -5.98 -10.74
N GLY A 17 8.76 -6.69 -11.68
CA GLY A 17 9.94 -7.44 -11.36
C GLY A 17 9.52 -8.74 -10.70
N SER A 18 9.58 -8.76 -9.37
CA SER A 18 9.26 -9.95 -8.60
C SER A 18 8.76 -9.47 -7.26
N MET A 19 8.77 -8.16 -7.11
CA MET A 19 8.39 -7.59 -5.85
C MET A 19 6.91 -7.28 -5.78
N ALA A 20 6.44 -6.47 -6.72
CA ALA A 20 5.02 -6.14 -6.74
C ALA A 20 4.27 -7.46 -6.82
N LEU A 21 4.87 -8.41 -7.53
CA LEU A 21 4.29 -9.73 -7.72
C LEU A 21 4.12 -10.46 -6.38
N LYS A 22 5.17 -10.43 -5.54
CA LYS A 22 5.08 -11.06 -4.24
C LYS A 22 4.09 -10.26 -3.42
N ARG A 23 4.05 -8.96 -3.68
CA ARG A 23 3.14 -8.05 -2.99
C ARG A 23 1.72 -8.53 -3.25
N ILE A 24 1.48 -8.98 -4.47
CA ILE A 24 0.18 -9.49 -4.87
C ILE A 24 -0.11 -10.76 -4.09
N GLN A 25 0.80 -11.73 -4.18
CA GLN A 25 0.65 -12.99 -3.47
C GLN A 25 0.30 -12.73 -2.01
N LYS A 26 1.06 -11.85 -1.37
CA LYS A 26 0.83 -11.49 0.02
C LYS A 26 -0.58 -10.90 0.17
N GLU A 27 -0.94 -10.06 -0.80
CA GLU A 27 -2.25 -9.41 -0.84
C GLU A 27 -3.37 -10.44 -0.90
N LEU A 28 -3.09 -11.56 -1.57
CA LEU A 28 -4.06 -12.63 -1.75
C LEU A 28 -4.09 -13.57 -0.56
N SER A 29 -2.93 -14.16 -0.24
CA SER A 29 -2.85 -15.09 0.87
C SER A 29 -3.38 -14.44 2.14
N ASP A 30 -3.19 -13.13 2.28
CA ASP A 30 -3.72 -12.44 3.46
C ASP A 30 -5.15 -11.99 3.20
N LEU A 31 -5.47 -11.77 1.93
CA LEU A 31 -6.81 -11.34 1.54
C LEU A 31 -7.86 -12.24 2.18
N GLN A 32 -7.68 -13.56 2.07
CA GLN A 32 -8.64 -14.52 2.59
C GLN A 32 -8.34 -15.18 3.94
N ARG A 33 -7.26 -14.79 4.62
CA ARG A 33 -6.95 -15.37 5.94
C ARG A 33 -8.14 -14.99 6.80
N ASP A 34 -8.64 -13.78 6.58
CA ASP A 34 -9.87 -13.38 7.26
C ASP A 34 -10.81 -12.85 6.15
N PRO A 35 -11.57 -13.75 5.49
CA PRO A 35 -12.52 -13.45 4.40
C PRO A 35 -13.71 -12.50 4.75
N PRO A 36 -13.94 -11.40 3.98
CA PRO A 36 -14.98 -10.36 4.11
C PRO A 36 -16.44 -10.91 4.19
N ALA A 37 -16.64 -12.20 3.91
CA ALA A 37 -17.98 -12.79 3.92
C ALA A 37 -19.00 -11.97 3.10
N HIS A 38 -18.54 -10.92 2.43
CA HIS A 38 -19.44 -10.08 1.64
C HIS A 38 -18.85 -9.67 0.31
N CYS A 39 -17.52 -9.56 0.28
CA CYS A 39 -16.81 -9.16 -0.91
C CYS A 39 -15.85 -10.26 -1.28
N SER A 40 -15.35 -10.23 -2.51
CA SER A 40 -14.39 -11.23 -2.94
C SER A 40 -13.58 -10.68 -4.10
N ALA A 41 -12.30 -11.00 -4.12
CA ALA A 41 -11.42 -10.54 -5.19
C ALA A 41 -10.33 -11.57 -5.37
N GLY A 42 -9.84 -11.69 -6.61
CA GLY A 42 -8.81 -12.66 -6.88
C GLY A 42 -8.30 -12.53 -8.29
N PRO A 43 -7.20 -13.22 -8.64
CA PRO A 43 -6.64 -13.17 -9.99
C PRO A 43 -7.50 -13.90 -11.01
N VAL A 44 -7.76 -13.23 -12.14
CA VAL A 44 -8.55 -13.83 -13.20
C VAL A 44 -7.60 -14.66 -14.05
N GLY A 45 -7.85 -15.96 -14.11
CA GLY A 45 -7.00 -16.84 -14.89
C GLY A 45 -5.60 -16.92 -14.33
N ASP A 46 -4.61 -16.92 -15.21
CA ASP A 46 -3.21 -17.02 -14.81
C ASP A 46 -2.50 -15.67 -14.70
N ASP A 47 -3.25 -14.61 -14.43
CA ASP A 47 -2.66 -13.27 -14.32
C ASP A 47 -2.87 -12.67 -12.94
N LEU A 48 -1.81 -12.69 -12.13
CA LEU A 48 -1.87 -12.13 -10.78
C LEU A 48 -1.91 -10.61 -10.79
N PHE A 49 -1.71 -10.03 -11.97
CA PHE A 49 -1.74 -8.58 -12.12
C PHE A 49 -3.09 -8.11 -12.64
N HIS A 50 -3.91 -9.07 -13.04
CA HIS A 50 -5.25 -8.79 -13.55
C HIS A 50 -6.22 -9.53 -12.62
N TRP A 51 -6.90 -8.77 -11.78
CA TRP A 51 -7.86 -9.33 -10.82
C TRP A 51 -9.30 -8.94 -11.10
N GLN A 52 -10.20 -9.57 -10.37
CA GLN A 52 -11.62 -9.31 -10.52
C GLN A 52 -12.21 -9.45 -9.13
N ALA A 53 -13.21 -8.63 -8.82
CA ALA A 53 -13.83 -8.69 -7.51
C ALA A 53 -15.34 -8.63 -7.59
N THR A 54 -15.99 -8.91 -6.47
CA THR A 54 -17.44 -8.90 -6.41
C THR A 54 -17.86 -8.34 -5.07
N ILE A 55 -18.71 -7.32 -5.11
CA ILE A 55 -19.19 -6.68 -3.90
C ILE A 55 -20.69 -6.90 -3.78
N MET A 56 -21.16 -7.11 -2.56
CA MET A 56 -22.57 -7.32 -2.30
C MET A 56 -23.10 -6.03 -1.68
N GLY A 57 -24.24 -5.56 -2.15
CA GLY A 57 -24.80 -4.33 -1.61
C GLY A 57 -25.09 -4.41 -0.12
N PRO A 58 -24.52 -3.51 0.69
CA PRO A 58 -24.81 -3.59 2.13
C PRO A 58 -26.31 -3.68 2.37
N PRO A 59 -26.75 -4.76 3.03
CA PRO A 59 -28.14 -5.05 3.36
C PRO A 59 -29.03 -3.84 3.67
N ASP A 60 -28.48 -2.82 4.30
CA ASP A 60 -29.28 -1.66 4.65
C ASP A 60 -29.07 -0.51 3.68
N SER A 61 -28.57 -0.80 2.48
CA SER A 61 -28.31 0.24 1.50
C SER A 61 -29.19 0.10 0.27
N ALA A 62 -29.25 1.15 -0.52
CA ALA A 62 -30.03 1.19 -1.74
C ALA A 62 -29.64 0.09 -2.72
N TYR A 63 -28.38 -0.33 -2.66
CA TYR A 63 -27.89 -1.36 -3.57
C TYR A 63 -27.87 -2.77 -2.96
N GLN A 64 -28.75 -3.03 -1.99
CA GLN A 64 -28.73 -4.35 -1.38
C GLN A 64 -29.28 -5.46 -2.27
N GLY A 65 -28.78 -6.67 -2.03
CA GLY A 65 -29.20 -7.83 -2.80
C GLY A 65 -28.56 -7.90 -4.17
N GLY A 66 -27.82 -6.86 -4.54
CA GLY A 66 -27.19 -6.83 -5.85
C GLY A 66 -25.75 -7.32 -5.88
N VAL A 67 -25.35 -7.82 -7.04
CA VAL A 67 -23.99 -8.31 -7.25
C VAL A 67 -23.28 -7.40 -8.23
N PHE A 68 -22.17 -6.82 -7.79
CA PHE A 68 -21.37 -5.90 -8.59
C PHE A 68 -19.99 -6.48 -8.91
N PHE A 69 -19.64 -6.49 -10.19
CA PHE A 69 -18.34 -6.99 -10.61
C PHE A 69 -17.31 -5.87 -10.82
N LEU A 70 -16.11 -6.09 -10.31
CA LEU A 70 -15.04 -5.11 -10.43
C LEU A 70 -13.83 -5.74 -11.09
N THR A 71 -13.11 -4.97 -11.90
CA THR A 71 -11.91 -5.47 -12.55
C THR A 71 -10.72 -4.69 -11.98
N VAL A 72 -9.83 -5.42 -11.32
CA VAL A 72 -8.65 -4.79 -10.71
C VAL A 72 -7.38 -5.06 -11.51
N HIS A 73 -6.71 -3.98 -11.90
CA HIS A 73 -5.47 -4.05 -12.66
C HIS A 73 -4.34 -3.56 -11.76
N PHE A 74 -3.33 -4.39 -11.54
CA PHE A 74 -2.22 -3.97 -10.70
C PHE A 74 -1.12 -3.26 -11.46
N PRO A 75 -0.68 -2.11 -10.95
CA PRO A 75 0.39 -1.33 -11.57
C PRO A 75 1.73 -2.04 -11.39
N THR A 76 2.54 -2.07 -12.45
CA THR A 76 3.85 -2.69 -12.42
C THR A 76 4.69 -2.22 -11.22
N ASP A 77 4.43 -1.00 -10.76
CA ASP A 77 5.19 -0.44 -9.65
C ASP A 77 4.54 -0.62 -8.30
N TYR A 78 3.50 -1.45 -8.23
CA TYR A 78 2.79 -1.70 -6.99
C TYR A 78 3.79 -2.27 -5.96
N PRO A 79 3.51 -2.10 -4.66
CA PRO A 79 2.35 -1.42 -4.09
C PRO A 79 2.47 0.10 -3.95
N PHE A 80 3.52 0.69 -4.48
CA PHE A 80 3.69 2.13 -4.37
C PHE A 80 2.58 2.96 -5.00
N LYS A 81 2.07 2.54 -6.15
CA LYS A 81 1.00 3.28 -6.79
C LYS A 81 -0.30 2.53 -6.57
N PRO A 82 -1.44 3.22 -6.68
CA PRO A 82 -2.73 2.57 -6.48
C PRO A 82 -3.13 1.62 -7.62
N PRO A 83 -4.05 0.69 -7.35
CA PRO A 83 -4.54 -0.29 -8.32
C PRO A 83 -5.60 0.30 -9.25
N LYS A 84 -5.58 -0.13 -10.51
CA LYS A 84 -6.53 0.33 -11.51
C LYS A 84 -7.81 -0.52 -11.44
N ILE A 85 -8.85 0.01 -10.82
CA ILE A 85 -10.11 -0.73 -10.71
C ILE A 85 -11.28 -0.02 -11.37
N ALA A 86 -12.16 -0.81 -11.97
CA ALA A 86 -13.34 -0.29 -12.65
C ALA A 86 -14.56 -1.10 -12.26
N PHE A 87 -15.71 -0.45 -12.31
CA PHE A 87 -16.98 -1.08 -11.98
C PHE A 87 -17.61 -1.64 -13.26
N THR A 88 -17.64 -2.96 -13.39
CA THR A 88 -18.21 -3.60 -14.57
C THR A 88 -19.74 -3.61 -14.54
N THR A 89 -20.30 -3.68 -13.34
CA THR A 89 -21.74 -3.71 -13.18
C THR A 89 -22.31 -2.29 -13.07
N LYS A 90 -23.36 -2.03 -13.85
CA LYS A 90 -24.02 -0.73 -13.84
C LYS A 90 -24.48 -0.41 -12.42
N ILE A 91 -24.24 0.82 -11.99
CA ILE A 91 -24.65 1.23 -10.66
C ILE A 91 -25.03 2.70 -10.65
N TYR A 92 -26.15 3.01 -10.00
CA TYR A 92 -26.63 4.37 -9.91
C TYR A 92 -25.97 5.06 -8.72
N HIS A 93 -24.74 5.51 -8.94
CA HIS A 93 -23.96 6.18 -7.90
C HIS A 93 -23.35 7.46 -8.46
N PRO A 94 -23.36 8.54 -7.66
CA PRO A 94 -22.80 9.83 -8.08
C PRO A 94 -21.28 9.87 -8.26
N ASN A 95 -20.58 9.00 -7.55
CA ASN A 95 -19.13 8.94 -7.64
C ASN A 95 -18.68 7.86 -8.62
N ILE A 96 -19.59 7.43 -9.49
CA ILE A 96 -19.28 6.39 -10.47
C ILE A 96 -20.10 6.68 -11.74
N ASN A 97 -19.50 6.45 -12.91
CA ASN A 97 -20.21 6.75 -14.16
C ASN A 97 -20.60 5.59 -15.05
N SER A 98 -21.00 5.93 -16.26
CA SER A 98 -21.45 4.97 -17.25
C SER A 98 -20.43 3.93 -17.72
N ASN A 99 -19.14 4.18 -17.46
CA ASN A 99 -18.11 3.22 -17.87
C ASN A 99 -17.50 2.48 -16.68
N GLY A 100 -18.16 2.65 -15.53
CA GLY A 100 -17.74 2.02 -14.30
C GLY A 100 -16.52 2.64 -13.65
N SER A 101 -16.03 3.75 -14.18
CA SER A 101 -14.87 4.39 -13.56
C SER A 101 -15.28 4.85 -12.16
N ILE A 102 -14.40 4.63 -11.19
CA ILE A 102 -14.68 5.00 -9.81
C ILE A 102 -13.78 6.13 -9.33
N CYS A 103 -14.36 7.16 -8.72
CA CYS A 103 -13.55 8.26 -8.21
C CYS A 103 -13.55 8.29 -6.69
N LEU A 104 -12.57 7.61 -6.13
CA LEU A 104 -12.41 7.56 -4.68
C LEU A 104 -11.08 8.23 -4.32
N ASP A 105 -11.13 9.01 -3.24
CA ASP A 105 -9.96 9.72 -2.74
C ASP A 105 -8.73 8.85 -2.60
N ILE A 106 -8.89 7.69 -1.96
CA ILE A 106 -7.78 6.79 -1.73
C ILE A 106 -7.26 6.11 -2.99
N LEU A 107 -7.93 6.32 -4.11
CA LEU A 107 -7.49 5.70 -5.36
C LEU A 107 -6.32 6.41 -6.02
N ARG A 108 -5.96 7.58 -5.49
CA ARG A 108 -4.82 8.34 -5.98
C ARG A 108 -4.58 9.60 -5.16
N SER A 109 -5.65 10.31 -4.85
CA SER A 109 -5.51 11.52 -4.06
C SER A 109 -4.98 11.28 -2.63
N GLN A 110 -5.44 10.21 -1.97
CA GLN A 110 -4.97 9.93 -0.61
C GLN A 110 -4.59 8.48 -0.44
N TRP A 111 -3.85 7.96 -1.41
CA TRP A 111 -3.44 6.58 -1.39
C TRP A 111 -2.05 6.35 -0.79
N SER A 112 -1.90 5.23 -0.10
CA SER A 112 -0.66 4.87 0.57
C SER A 112 -0.32 3.40 0.33
N PRO A 113 0.99 3.07 0.20
CA PRO A 113 1.41 1.69 -0.04
C PRO A 113 0.82 0.74 1.00
N ALA A 114 0.60 1.27 2.19
CA ALA A 114 0.05 0.50 3.30
C ALA A 114 -1.31 -0.11 2.96
N LEU A 115 -2.21 0.71 2.46
CA LEU A 115 -3.56 0.27 2.10
C LEU A 115 -3.51 -0.95 1.17
N THR A 116 -4.49 -1.83 1.33
CA THR A 116 -4.59 -3.05 0.53
C THR A 116 -5.81 -3.04 -0.38
N VAL A 117 -5.83 -3.94 -1.36
CA VAL A 117 -6.96 -4.04 -2.26
C VAL A 117 -8.19 -4.28 -1.40
N SER A 118 -8.02 -5.10 -0.36
CA SER A 118 -9.10 -5.43 0.57
C SER A 118 -9.68 -4.13 1.11
N LYS A 119 -8.80 -3.28 1.62
CA LYS A 119 -9.20 -1.99 2.17
C LYS A 119 -10.08 -1.27 1.17
N VAL A 120 -9.58 -1.11 -0.05
CA VAL A 120 -10.32 -0.43 -1.10
C VAL A 120 -11.73 -0.97 -1.27
N LEU A 121 -11.90 -2.26 -1.00
CA LEU A 121 -13.21 -2.89 -1.12
C LEU A 121 -14.18 -2.29 -0.12
N LEU A 122 -13.80 -2.32 1.15
CA LEU A 122 -14.66 -1.79 2.20
C LEU A 122 -14.88 -0.30 1.99
N SER A 123 -13.87 0.36 1.41
CA SER A 123 -13.93 1.78 1.14
C SER A 123 -15.07 2.06 0.16
N ILE A 124 -15.11 1.29 -0.92
CA ILE A 124 -16.16 1.44 -1.93
C ILE A 124 -17.48 0.97 -1.35
N CYS A 125 -17.40 -0.05 -0.50
CA CYS A 125 -18.59 -0.62 0.13
C CYS A 125 -19.33 0.45 0.93
N SER A 126 -18.57 1.24 1.67
CA SER A 126 -19.15 2.30 2.48
C SER A 126 -19.49 3.48 1.58
N LEU A 127 -18.69 3.66 0.54
CA LEU A 127 -18.89 4.73 -0.44
C LEU A 127 -20.27 4.56 -1.06
N LEU A 128 -20.66 3.31 -1.30
CA LEU A 128 -21.96 3.03 -1.88
C LEU A 128 -23.04 3.52 -0.92
N CYS A 129 -22.86 3.18 0.35
CA CYS A 129 -23.79 3.59 1.40
C CYS A 129 -23.79 5.11 1.55
N ASP A 130 -22.61 5.65 1.84
CA ASP A 130 -22.44 7.08 2.04
C ASP A 130 -21.57 7.71 0.94
N PRO A 131 -22.20 8.17 -0.16
CA PRO A 131 -21.55 8.79 -1.30
C PRO A 131 -21.05 10.22 -1.03
N ASN A 132 -20.24 10.71 -1.96
CA ASN A 132 -19.65 12.04 -1.90
C ASN A 132 -20.30 12.95 -2.95
N PRO A 133 -21.31 13.74 -2.56
CA PRO A 133 -22.02 14.63 -3.49
C PRO A 133 -21.25 15.77 -4.19
N ASP A 134 -20.49 16.57 -3.43
CA ASP A 134 -19.73 17.67 -4.01
C ASP A 134 -18.58 17.24 -4.85
N ASP A 135 -18.38 15.92 -4.86
CA ASP A 135 -17.32 15.28 -5.64
C ASP A 135 -17.95 14.44 -6.78
N PRO A 136 -19.04 14.94 -7.43
CA PRO A 136 -19.68 14.16 -8.50
C PRO A 136 -18.79 13.76 -9.71
N LEU A 137 -19.17 12.66 -10.37
CA LEU A 137 -18.58 12.06 -11.59
C LEU A 137 -19.76 12.12 -12.58
N VAL A 138 -20.94 12.25 -11.97
CA VAL A 138 -22.21 12.39 -12.66
C VAL A 138 -23.06 13.42 -11.90
N PRO A 139 -22.91 14.72 -12.26
CA PRO A 139 -23.60 15.87 -11.68
C PRO A 139 -25.09 15.75 -11.34
N ASP A 140 -25.88 15.16 -12.23
CA ASP A 140 -27.31 15.02 -11.99
C ASP A 140 -27.66 14.04 -10.88
N ILE A 141 -26.96 12.91 -10.82
CA ILE A 141 -27.22 11.94 -9.76
C ILE A 141 -26.66 12.44 -8.44
N ALA A 142 -25.66 13.31 -8.52
CA ALA A 142 -25.06 13.89 -7.33
C ALA A 142 -25.96 15.00 -6.83
N GLN A 143 -26.66 15.65 -7.77
CA GLN A 143 -27.57 16.72 -7.42
C GLN A 143 -28.84 16.17 -6.82
N ILE A 144 -29.25 14.98 -7.27
CA ILE A 144 -30.46 14.35 -6.74
C ILE A 144 -30.20 13.88 -5.33
N TYR A 145 -29.02 13.31 -5.10
CA TYR A 145 -28.65 12.83 -3.76
C TYR A 145 -28.77 13.99 -2.79
N LYS A 146 -27.95 15.01 -3.00
CA LYS A 146 -27.92 16.19 -2.13
C LYS A 146 -29.29 16.82 -1.95
N SER A 147 -29.89 17.25 -3.06
CA SER A 147 -31.20 17.88 -3.03
C SER A 147 -32.31 16.97 -2.52
N ASP A 148 -32.28 15.69 -2.88
CA ASP A 148 -33.31 14.73 -2.45
C ASP A 148 -32.85 13.26 -2.56
N LYS A 149 -32.42 12.70 -1.43
CA LYS A 149 -31.95 11.33 -1.40
C LYS A 149 -33.11 10.37 -1.44
N GLU A 150 -34.25 10.83 -0.97
CA GLU A 150 -35.43 10.00 -0.94
C GLU A 150 -35.70 9.40 -2.32
N LYS A 151 -35.46 10.20 -3.36
CA LYS A 151 -35.66 9.77 -4.73
C LYS A 151 -34.44 8.99 -5.22
N TYR A 152 -33.26 9.43 -4.79
CA TYR A 152 -31.99 8.83 -5.15
C TYR A 152 -31.94 7.34 -4.77
N ASN A 153 -32.35 7.05 -3.55
CA ASN A 153 -32.36 5.70 -3.01
C ASN A 153 -33.40 4.76 -3.64
N ARG A 154 -34.02 5.19 -4.73
CA ARG A 154 -34.97 4.34 -5.42
C ARG A 154 -34.37 3.98 -6.75
N HIS A 155 -33.91 5.00 -7.47
CA HIS A 155 -33.30 4.78 -8.76
C HIS A 155 -32.30 3.66 -8.61
N ALA A 156 -31.43 3.83 -7.62
CA ALA A 156 -30.38 2.86 -7.30
C ALA A 156 -30.94 1.46 -7.12
N ARG A 157 -32.09 1.36 -6.46
CA ARG A 157 -32.73 0.07 -6.25
C ARG A 157 -33.19 -0.49 -7.58
N GLU A 158 -33.82 0.37 -8.38
CA GLU A 158 -34.34 0.02 -9.69
C GLU A 158 -33.21 -0.49 -10.59
N TRP A 159 -32.04 0.14 -10.46
CA TRP A 159 -30.86 -0.22 -11.24
C TRP A 159 -30.21 -1.47 -10.66
N THR A 160 -30.32 -1.62 -9.34
CA THR A 160 -29.74 -2.77 -8.65
C THR A 160 -30.37 -4.08 -9.12
N GLN A 161 -31.69 -4.11 -9.25
CA GLN A 161 -32.37 -5.32 -9.67
C GLN A 161 -32.49 -5.44 -11.18
N LYS A 162 -32.06 -4.41 -11.90
CA LYS A 162 -32.11 -4.43 -13.35
C LYS A 162 -30.71 -4.58 -13.93
N TYR A 163 -29.69 -4.40 -13.09
CA TYR A 163 -28.31 -4.53 -13.54
C TYR A 163 -27.41 -5.37 -12.64
N ALA A 164 -27.87 -5.70 -11.44
CA ALA A 164 -27.05 -6.47 -10.52
C ALA A 164 -27.71 -7.72 -9.93
N MET A 165 -28.84 -8.13 -10.50
CA MET A 165 -29.51 -9.33 -10.02
C MET A 165 -29.00 -10.53 -10.79
N GLY B 17 36.95 1.80 -5.49
CA GLY B 17 37.63 3.11 -5.69
C GLY B 17 36.82 4.07 -6.54
N SER B 18 37.46 4.65 -7.54
CA SER B 18 36.77 5.60 -8.40
C SER B 18 35.46 4.97 -8.85
N MET B 19 35.44 3.63 -8.88
CA MET B 19 34.29 2.85 -9.29
C MET B 19 33.07 3.19 -8.43
N ALA B 20 33.11 2.75 -7.18
CA ALA B 20 32.06 2.99 -6.22
C ALA B 20 31.78 4.47 -5.98
N LEU B 21 32.84 5.24 -5.75
CA LEU B 21 32.66 6.67 -5.45
C LEU B 21 31.86 7.40 -6.52
N LYS B 22 32.02 6.98 -7.76
CA LYS B 22 31.28 7.56 -8.86
C LYS B 22 29.89 6.94 -8.84
N ARG B 23 29.82 5.67 -8.45
CA ARG B 23 28.54 4.98 -8.40
C ARG B 23 27.63 5.67 -7.38
N ILE B 24 28.21 6.06 -6.25
CA ILE B 24 27.46 6.75 -5.22
C ILE B 24 27.07 8.12 -5.75
N GLN B 25 28.04 8.84 -6.30
CA GLN B 25 27.80 10.15 -6.86
C GLN B 25 26.51 10.17 -7.66
N LYS B 26 26.41 9.22 -8.57
CA LYS B 26 25.26 9.09 -9.45
C LYS B 26 24.02 8.73 -8.65
N GLU B 27 24.07 7.63 -7.90
CA GLU B 27 22.92 7.23 -7.10
C GLU B 27 22.43 8.36 -6.22
N LEU B 28 23.24 9.40 -6.09
CA LEU B 28 22.92 10.57 -5.25
C LEU B 28 22.23 11.61 -6.14
N SER B 29 22.93 12.03 -7.18
CA SER B 29 22.38 12.99 -8.12
C SER B 29 21.21 12.33 -8.87
N ASP B 30 21.28 11.02 -9.03
CA ASP B 30 20.22 10.28 -9.71
C ASP B 30 19.12 10.05 -8.66
N LEU B 31 19.51 9.66 -7.46
CA LEU B 31 18.58 9.46 -6.36
C LEU B 31 17.74 10.70 -6.34
N GLN B 32 18.42 11.83 -6.23
CA GLN B 32 17.68 13.06 -6.21
C GLN B 32 17.56 13.64 -7.62
N ARG B 33 16.35 13.83 -8.07
CA ARG B 33 16.05 14.45 -9.35
C ARG B 33 14.59 14.26 -9.33
N ASP B 34 14.27 13.11 -8.78
CA ASP B 34 12.90 12.66 -8.56
C ASP B 34 12.85 12.47 -7.04
N PRO B 35 12.46 13.52 -6.26
CA PRO B 35 12.37 13.50 -4.79
C PRO B 35 11.27 12.53 -4.31
N PRO B 36 11.61 11.49 -3.51
CA PRO B 36 10.60 10.53 -3.01
C PRO B 36 9.50 11.29 -2.22
N ALA B 37 9.84 12.50 -1.74
CA ALA B 37 8.93 13.37 -0.96
C ALA B 37 8.35 12.68 0.25
N HIS B 38 8.85 11.48 0.52
CA HIS B 38 8.30 10.65 1.60
C HIS B 38 9.45 9.92 2.26
N CYS B 39 10.62 10.03 1.63
CA CYS B 39 11.81 9.35 2.08
C CYS B 39 12.96 10.34 1.91
N SER B 40 14.11 10.08 2.53
CA SER B 40 15.26 10.99 2.39
C SER B 40 16.55 10.24 2.70
N ALA B 41 17.61 10.55 1.95
CA ALA B 41 18.90 9.91 2.16
C ALA B 41 20.02 10.75 1.55
N GLY B 42 21.19 10.72 2.18
CA GLY B 42 22.30 11.50 1.67
C GLY B 42 23.56 11.24 2.48
N PRO B 43 24.73 11.63 1.97
CA PRO B 43 25.98 11.40 2.70
C PRO B 43 26.07 12.29 3.95
N VAL B 44 26.41 11.69 5.09
CA VAL B 44 26.54 12.46 6.31
C VAL B 44 27.96 13.03 6.35
N GLY B 45 28.06 14.37 6.45
CA GLY B 45 29.36 15.00 6.48
C GLY B 45 30.04 14.90 5.12
N ASP B 46 31.37 14.95 5.07
CA ASP B 46 32.06 14.85 3.79
C ASP B 46 32.51 13.43 3.51
N ASP B 47 31.60 12.48 3.69
CA ASP B 47 31.91 11.08 3.44
C ASP B 47 30.76 10.42 2.68
N LEU B 48 30.94 10.30 1.36
CA LEU B 48 29.93 9.69 0.49
C LEU B 48 29.78 8.19 0.71
N PHE B 49 30.71 7.59 1.43
CA PHE B 49 30.65 6.16 1.72
C PHE B 49 29.77 5.93 2.94
N HIS B 50 29.40 7.02 3.61
CA HIS B 50 28.55 6.92 4.79
C HIS B 50 27.36 7.87 4.67
N TRP B 51 26.17 7.28 4.70
CA TRP B 51 24.92 8.03 4.58
C TRP B 51 23.99 7.92 5.78
N GLN B 52 22.91 8.68 5.72
CA GLN B 52 21.87 8.69 6.74
C GLN B 52 20.58 8.70 5.95
N ALA B 53 19.53 8.15 6.54
CA ALA B 53 18.23 8.13 5.87
C ALA B 53 17.13 8.44 6.86
N THR B 54 15.97 8.79 6.35
CA THR B 54 14.82 9.11 7.19
C THR B 54 13.56 8.93 6.40
N ILE B 55 12.78 7.91 6.75
CA ILE B 55 11.52 7.66 6.06
C ILE B 55 10.39 7.96 7.02
N MET B 56 9.23 8.32 6.48
CA MET B 56 8.08 8.61 7.31
C MET B 56 7.14 7.41 7.24
N GLY B 57 6.46 7.14 8.35
CA GLY B 57 5.54 6.02 8.39
C GLY B 57 4.38 6.21 7.44
N PRO B 58 4.03 5.16 6.67
CA PRO B 58 2.92 5.23 5.71
C PRO B 58 1.64 5.69 6.40
N PRO B 59 0.99 6.73 5.87
CA PRO B 59 -0.24 7.12 6.58
C PRO B 59 -1.13 5.91 6.43
N ASP B 60 -1.95 5.57 7.41
CA ASP B 60 -2.81 4.40 7.26
C ASP B 60 -2.01 3.12 7.51
N SER B 61 -0.88 3.27 8.20
CA SER B 61 -0.05 2.14 8.58
C SER B 61 0.20 2.44 10.05
N ALA B 62 0.51 1.42 10.84
CA ALA B 62 0.75 1.61 12.26
C ALA B 62 1.87 2.61 12.57
N TYR B 63 2.87 2.70 11.70
CA TYR B 63 3.99 3.62 11.91
C TYR B 63 3.68 5.05 11.48
N GLN B 64 2.39 5.33 11.38
CA GLN B 64 1.89 6.64 10.99
C GLN B 64 2.52 7.82 11.73
N GLY B 65 2.92 8.84 10.96
CA GLY B 65 3.50 10.06 11.51
C GLY B 65 4.84 9.96 12.21
N GLY B 66 5.51 8.83 12.06
CA GLY B 66 6.78 8.66 12.72
C GLY B 66 7.98 8.97 11.86
N VAL B 67 9.07 9.33 12.51
CA VAL B 67 10.31 9.66 11.83
C VAL B 67 11.39 8.66 12.24
N PHE B 68 11.81 7.81 11.31
CA PHE B 68 12.83 6.82 11.62
C PHE B 68 14.12 7.06 10.84
N PHE B 69 15.24 7.06 11.54
CA PHE B 69 16.53 7.28 10.91
C PHE B 69 17.31 6.01 10.61
N LEU B 70 17.97 6.01 9.46
CA LEU B 70 18.77 4.87 9.02
C LEU B 70 20.20 5.31 8.73
N THR B 71 21.13 4.36 8.87
CA THR B 71 22.53 4.62 8.61
C THR B 71 22.91 3.76 7.41
N VAL B 72 23.32 4.41 6.32
CA VAL B 72 23.70 3.70 5.12
C VAL B 72 25.21 3.83 4.90
N HIS B 73 25.92 2.73 5.10
CA HIS B 73 27.36 2.74 4.92
C HIS B 73 27.71 1.87 3.70
N PHE B 74 28.45 2.46 2.77
CA PHE B 74 28.84 1.78 1.55
C PHE B 74 30.15 1.01 1.64
N PRO B 75 30.19 -0.21 1.08
CA PRO B 75 31.45 -0.95 1.14
C PRO B 75 32.36 -0.38 0.07
N THR B 76 33.67 -0.52 0.25
CA THR B 76 34.59 0.01 -0.74
C THR B 76 34.52 -0.80 -2.04
N ASP B 77 33.60 -1.76 -2.10
CA ASP B 77 33.42 -2.60 -3.29
C ASP B 77 32.06 -2.46 -3.96
N TYR B 78 31.49 -1.26 -3.81
CA TYR B 78 30.18 -0.86 -4.35
C TYR B 78 30.33 -0.66 -5.86
N PRO B 79 29.29 -0.96 -6.64
CA PRO B 79 27.99 -1.47 -6.22
C PRO B 79 27.91 -3.00 -6.30
N PHE B 80 29.05 -3.65 -6.54
CA PHE B 80 29.05 -5.10 -6.62
C PHE B 80 28.85 -5.68 -5.20
N LYS B 81 28.55 -4.80 -4.26
CA LYS B 81 28.37 -5.16 -2.86
C LYS B 81 27.22 -4.34 -2.29
N PRO B 82 26.34 -4.96 -1.51
CA PRO B 82 25.18 -4.29 -0.90
C PRO B 82 25.57 -3.29 0.19
N PRO B 83 24.73 -2.27 0.39
CA PRO B 83 25.04 -1.28 1.44
C PRO B 83 24.66 -1.81 2.83
N LYS B 84 25.51 -1.54 3.82
CA LYS B 84 25.22 -2.00 5.16
C LYS B 84 24.39 -0.93 5.86
N ILE B 85 23.11 -1.22 6.06
CA ILE B 85 22.22 -0.27 6.71
C ILE B 85 21.47 -0.89 7.88
N ALA B 86 20.95 -0.02 8.75
CA ALA B 86 20.19 -0.48 9.92
C ALA B 86 19.36 0.69 10.46
N PHE B 87 18.39 0.38 11.31
CA PHE B 87 17.52 1.39 11.89
C PHE B 87 18.09 2.02 13.15
N THR B 88 18.15 3.35 13.14
CA THR B 88 18.64 4.12 14.27
C THR B 88 17.49 4.30 15.26
N THR B 89 16.28 4.42 14.73
CA THR B 89 15.09 4.59 15.55
C THR B 89 14.42 3.26 15.84
N LYS B 90 14.05 3.04 17.10
CA LYS B 90 13.39 1.80 17.49
C LYS B 90 12.04 1.67 16.80
N ILE B 91 11.71 0.44 16.41
CA ILE B 91 10.45 0.16 15.72
C ILE B 91 9.90 -1.19 16.14
N TYR B 92 8.58 -1.29 16.21
CA TYR B 92 7.92 -2.53 16.58
C TYR B 92 7.66 -3.29 15.27
N HIS B 93 8.66 -4.03 14.82
CA HIS B 93 8.54 -4.78 13.58
C HIS B 93 9.18 -6.16 13.75
N PRO B 94 8.58 -7.21 13.16
CA PRO B 94 9.12 -8.57 13.28
C PRO B 94 10.43 -8.81 12.51
N ASN B 95 10.73 -7.93 11.56
CA ASN B 95 11.94 -8.07 10.76
C ASN B 95 13.00 -7.06 11.14
N ILE B 96 12.83 -6.45 12.30
CA ILE B 96 13.78 -5.45 12.80
C ILE B 96 13.95 -5.73 14.29
N ASN B 97 15.18 -5.98 14.73
CA ASN B 97 15.42 -6.27 16.14
C ASN B 97 15.81 -5.04 16.96
N SER B 98 16.19 -5.28 18.21
CA SER B 98 16.61 -4.23 19.14
C SER B 98 17.80 -3.39 18.65
N ASN B 99 18.59 -3.97 17.75
CA ASN B 99 19.76 -3.29 17.21
C ASN B 99 19.41 -2.43 16.00
N GLY B 100 18.15 -2.48 15.60
CA GLY B 100 17.72 -1.72 14.44
C GLY B 100 18.07 -2.45 13.16
N SER B 101 18.91 -3.47 13.25
CA SER B 101 19.30 -4.25 12.08
C SER B 101 18.05 -4.67 11.31
N ILE B 102 18.14 -4.66 9.99
CA ILE B 102 17.01 -5.02 9.14
C ILE B 102 17.16 -6.39 8.45
N CYS B 103 16.07 -7.14 8.45
CA CYS B 103 15.99 -8.47 7.84
C CYS B 103 15.38 -8.35 6.44
N LEU B 104 16.21 -7.95 5.48
CA LEU B 104 15.75 -7.75 4.11
C LEU B 104 16.43 -8.71 3.13
N ASP B 105 15.62 -9.36 2.30
CA ASP B 105 16.13 -10.31 1.31
C ASP B 105 17.08 -9.67 0.31
N ILE B 106 16.69 -8.52 -0.25
CA ILE B 106 17.53 -7.83 -1.22
C ILE B 106 18.90 -7.45 -0.66
N LEU B 107 18.98 -7.22 0.63
CA LEU B 107 20.25 -6.81 1.24
C LEU B 107 21.29 -7.93 1.28
N ARG B 108 20.85 -9.18 1.19
CA ARG B 108 21.79 -10.31 1.20
C ARG B 108 21.39 -11.43 0.24
N SER B 109 20.09 -11.55 -0.05
CA SER B 109 19.60 -12.59 -0.95
C SER B 109 19.51 -12.17 -2.42
N GLN B 110 18.89 -11.04 -2.70
CA GLN B 110 18.79 -10.55 -4.09
C GLN B 110 19.80 -9.49 -4.49
N TRP B 111 20.63 -8.98 -3.58
CA TRP B 111 21.54 -7.92 -4.03
C TRP B 111 22.13 -8.18 -5.40
N SER B 112 21.97 -7.21 -6.30
CA SER B 112 22.56 -7.27 -7.64
C SER B 112 23.04 -5.84 -7.88
N PRO B 113 24.17 -5.66 -8.57
CA PRO B 113 24.70 -4.33 -8.86
C PRO B 113 23.66 -3.32 -9.35
N ALA B 114 22.62 -3.82 -10.01
CA ALA B 114 21.54 -2.99 -10.54
C ALA B 114 20.82 -2.18 -9.46
N LEU B 115 20.38 -2.89 -8.42
CA LEU B 115 19.67 -2.30 -7.28
C LEU B 115 20.37 -1.03 -6.78
N THR B 116 19.59 -0.04 -6.36
CA THR B 116 20.17 1.20 -5.86
C THR B 116 19.69 1.55 -4.46
N VAL B 117 20.46 2.35 -3.74
CA VAL B 117 20.10 2.73 -2.39
C VAL B 117 18.66 3.21 -2.34
N SER B 118 18.35 4.21 -3.15
CA SER B 118 17.01 4.78 -3.18
C SER B 118 15.95 3.68 -3.28
N LYS B 119 16.25 2.69 -4.09
CA LYS B 119 15.38 1.55 -4.30
C LYS B 119 15.19 0.79 -2.99
N VAL B 120 16.32 0.42 -2.39
CA VAL B 120 16.33 -0.33 -1.14
C VAL B 120 15.46 0.31 -0.06
N LEU B 121 15.26 1.61 -0.17
CA LEU B 121 14.45 2.34 0.81
C LEU B 121 12.96 2.11 0.55
N LEU B 122 12.61 1.92 -0.73
CA LEU B 122 11.23 1.67 -1.11
C LEU B 122 10.83 0.30 -0.56
N SER B 123 11.80 -0.61 -0.56
CA SER B 123 11.58 -1.97 -0.07
C SER B 123 11.31 -1.96 1.43
N ILE B 124 12.09 -1.16 2.15
CA ILE B 124 11.94 -1.02 3.58
C ILE B 124 10.59 -0.42 3.95
N CYS B 125 10.19 0.61 3.20
CA CYS B 125 8.92 1.28 3.45
C CYS B 125 7.76 0.31 3.23
N SER B 126 7.92 -0.59 2.27
CA SER B 126 6.89 -1.58 1.98
C SER B 126 6.88 -2.60 3.11
N LEU B 127 8.08 -3.10 3.41
CA LEU B 127 8.27 -4.08 4.47
C LEU B 127 7.63 -3.61 5.76
N LEU B 128 7.69 -2.30 6.00
CA LEU B 128 7.10 -1.74 7.21
C LEU B 128 5.64 -2.12 7.30
N CYS B 129 4.89 -1.91 6.21
CA CYS B 129 3.47 -2.25 6.24
C CYS B 129 3.21 -3.75 6.14
N ASP B 130 3.83 -4.41 5.17
CA ASP B 130 3.63 -5.85 5.03
C ASP B 130 4.90 -6.65 5.26
N PRO B 131 5.19 -6.97 6.53
CA PRO B 131 6.39 -7.75 6.86
C PRO B 131 6.13 -9.24 6.66
N ASN B 132 7.19 -10.04 6.70
CA ASN B 132 7.03 -11.48 6.56
C ASN B 132 7.27 -12.18 7.88
N PRO B 133 6.20 -12.72 8.48
CA PRO B 133 6.27 -13.41 9.75
C PRO B 133 6.98 -14.76 9.74
N ASP B 134 6.97 -15.45 8.59
CA ASP B 134 7.60 -16.77 8.49
C ASP B 134 9.09 -16.69 8.80
N ASP B 135 9.72 -15.60 8.40
CA ASP B 135 11.14 -15.45 8.66
C ASP B 135 11.38 -14.22 9.53
N PRO B 136 10.99 -14.31 10.82
CA PRO B 136 11.14 -13.22 11.77
C PRO B 136 12.53 -13.08 12.38
N LEU B 137 12.78 -11.90 12.93
CA LEU B 137 14.03 -11.55 13.59
C LEU B 137 13.68 -11.34 15.06
N VAL B 138 12.38 -11.22 15.33
CA VAL B 138 11.86 -11.05 16.67
C VAL B 138 10.66 -11.99 16.77
N PRO B 139 10.87 -13.21 17.28
CA PRO B 139 9.83 -14.25 17.44
C PRO B 139 8.44 -13.81 17.86
N ASP B 140 8.33 -13.23 19.05
CA ASP B 140 7.01 -12.83 19.54
C ASP B 140 6.36 -11.72 18.73
N ILE B 141 7.14 -10.76 18.25
CA ILE B 141 6.57 -9.69 17.44
C ILE B 141 6.00 -10.31 16.18
N ALA B 142 6.63 -11.38 15.71
CA ALA B 142 6.16 -12.06 14.52
C ALA B 142 5.01 -12.98 14.88
N GLN B 143 5.10 -13.61 16.05
CA GLN B 143 4.05 -14.51 16.50
C GLN B 143 2.75 -13.75 16.69
N ILE B 144 2.84 -12.52 17.18
CA ILE B 144 1.64 -11.71 17.39
C ILE B 144 1.11 -11.20 16.06
N TYR B 145 2.02 -10.74 15.20
CA TYR B 145 1.64 -10.24 13.89
C TYR B 145 0.80 -11.29 13.17
N LYS B 146 1.35 -12.48 13.02
CA LYS B 146 0.68 -13.58 12.36
C LYS B 146 -0.64 -13.94 13.03
N SER B 147 -0.58 -14.35 14.29
CA SER B 147 -1.78 -14.72 15.03
C SER B 147 -2.79 -13.58 15.23
N ASP B 148 -2.29 -12.39 15.57
CA ASP B 148 -3.15 -11.23 15.79
C ASP B 148 -2.54 -9.92 15.31
N LYS B 149 -3.12 -9.32 14.26
CA LYS B 149 -2.59 -8.05 13.76
C LYS B 149 -3.21 -6.83 14.45
N GLU B 150 -4.48 -6.93 14.84
CA GLU B 150 -5.15 -5.82 15.50
C GLU B 150 -4.44 -5.42 16.77
N LYS B 151 -3.64 -6.34 17.30
CA LYS B 151 -2.88 -6.10 18.52
C LYS B 151 -1.51 -5.55 18.12
N TYR B 152 -0.96 -6.10 17.03
CA TYR B 152 0.34 -5.70 16.52
C TYR B 152 0.41 -4.21 16.22
N ASN B 153 -0.47 -3.74 15.35
CA ASN B 153 -0.48 -2.33 14.97
C ASN B 153 -1.03 -1.44 16.09
N ARG B 154 -1.55 -2.06 17.14
CA ARG B 154 -2.10 -1.31 18.27
C ARG B 154 -0.98 -0.92 19.22
N HIS B 155 0.17 -1.57 19.08
CA HIS B 155 1.33 -1.28 19.93
C HIS B 155 2.47 -0.71 19.09
N ALA B 156 2.44 -0.97 17.79
CA ALA B 156 3.45 -0.45 16.89
C ALA B 156 3.29 1.07 16.84
N ARG B 157 2.05 1.53 16.98
CA ARG B 157 1.73 2.95 16.96
C ARG B 157 2.21 3.62 18.24
N GLU B 158 1.98 2.96 19.36
CA GLU B 158 2.40 3.51 20.64
C GLU B 158 3.91 3.63 20.74
N TRP B 159 4.61 2.83 19.93
CA TRP B 159 6.07 2.86 19.88
C TRP B 159 6.48 3.96 18.92
N THR B 160 5.64 4.18 17.91
CA THR B 160 5.88 5.21 16.90
C THR B 160 5.84 6.59 17.56
N GLN B 161 4.89 6.78 18.46
CA GLN B 161 4.74 8.05 19.15
C GLN B 161 5.65 8.16 20.38
N LYS B 162 6.32 7.05 20.73
CA LYS B 162 7.20 7.04 21.88
C LYS B 162 8.67 7.02 21.48
N TYR B 163 8.95 6.71 20.22
CA TYR B 163 10.32 6.65 19.74
C TYR B 163 10.54 7.27 18.35
N ALA B 164 9.48 7.77 17.73
CA ALA B 164 9.61 8.37 16.40
C ALA B 164 8.94 9.73 16.27
N MET B 165 8.58 10.34 17.41
CA MET B 165 7.96 11.65 17.39
C MET B 165 9.02 12.72 17.31
#